data_7DVH
#
_entry.id   7DVH
#
_cell.length_a   64.909
_cell.length_b   30.467
_cell.length_c   93.422
_cell.angle_alpha   90.000
_cell.angle_beta   101.590
_cell.angle_gamma   90.000
#
_symmetry.space_group_name_H-M   'P 1 2 1'
#
loop_
_entity.id
_entity.type
_entity.pdbx_description
1 polymer 'reDPBB_sym4 protein'
2 water water
#
_entity_poly.entity_id   1
_entity_poly.type   'polypeptide(L)'
_entity_poly.pdbx_seq_one_letter_code
;GPMPGKSVVARVAPAHPEDVGKGIVRMDKYERQNLGVSVGDYVEVKKAKSVVARVAPAHPEDVGKGIVRMDKYERQNLGV
SVGDYVEVKKA
;
_entity_poly.pdbx_strand_id   A,B,D,C
#
# COMPACT_ATOMS: atom_id res chain seq x y z
N LYS A 6 14.11 -3.14 -21.61
CA LYS A 6 15.28 -3.45 -20.79
C LYS A 6 15.14 -2.90 -19.37
N SER A 7 14.53 -1.71 -19.23
CA SER A 7 14.26 -1.17 -17.90
C SER A 7 12.87 -0.56 -17.86
N VAL A 8 12.18 -0.78 -16.75
CA VAL A 8 10.82 -0.32 -16.57
C VAL A 8 10.80 0.73 -15.48
N VAL A 9 9.79 1.58 -15.53
CA VAL A 9 9.46 2.49 -14.44
C VAL A 9 8.33 1.90 -13.65
N ALA A 10 8.45 1.94 -12.32
CA ALA A 10 7.45 1.41 -11.40
C ALA A 10 7.19 2.43 -10.30
N ARG A 11 5.98 2.42 -9.74
CA ARG A 11 5.59 3.35 -8.68
C ARG A 11 5.88 2.72 -7.32
N VAL A 12 6.53 3.48 -6.44
CA VAL A 12 6.88 2.96 -5.12
C VAL A 12 5.65 2.84 -4.23
N ALA A 13 5.44 1.65 -3.68
CA ALA A 13 4.46 1.45 -2.63
C ALA A 13 5.11 0.79 -1.42
N PRO A 14 4.58 1.03 -0.21
CA PRO A 14 5.23 0.49 0.99
C PRO A 14 5.01 -1.02 1.17
N ALA A 15 6.10 -1.74 1.47
CA ALA A 15 5.99 -3.17 1.74
C ALA A 15 5.03 -3.44 2.90
N HIS A 16 4.24 -4.50 2.78
CA HIS A 16 3.41 -4.96 3.88
C HIS A 16 4.28 -5.36 5.10
N PRO A 17 3.69 -5.37 6.29
CA PRO A 17 4.50 -5.63 7.50
C PRO A 17 5.18 -6.99 7.51
N GLU A 18 4.57 -8.00 6.88
CA GLU A 18 5.17 -9.32 6.88
C GLU A 18 6.51 -9.34 6.14
N ASP A 19 6.79 -8.32 5.34
CA ASP A 19 8.02 -8.39 4.51
C ASP A 19 9.22 -7.66 5.13
N VAL A 20 9.07 -7.24 6.36
CA VAL A 20 10.09 -6.37 6.99
C VAL A 20 11.52 -6.92 6.94
N GLY A 21 12.47 -6.09 6.47
CA GLY A 21 13.86 -6.42 6.63
C GLY A 21 14.39 -7.48 5.69
N LYS A 22 13.58 -7.98 4.76
CA LYS A 22 13.99 -9.10 3.92
C LYS A 22 14.76 -8.71 2.68
N GLY A 23 14.79 -7.42 2.30
CA GLY A 23 15.47 -7.03 1.08
C GLY A 23 14.83 -7.54 -0.21
N ILE A 24 13.51 -7.71 -0.21
CA ILE A 24 12.78 -8.10 -1.42
C ILE A 24 12.00 -6.91 -1.95
N VAL A 25 11.63 -7.01 -3.23
CA VAL A 25 10.67 -6.11 -3.85
C VAL A 25 9.65 -6.97 -4.55
N ARG A 26 8.40 -6.50 -4.58
CA ARG A 26 7.31 -7.25 -5.18
C ARG A 26 6.85 -6.54 -6.45
N MET A 27 6.77 -7.28 -7.54
CA MET A 27 6.38 -6.80 -8.86
C MET A 27 5.58 -7.89 -9.55
N ASP A 28 4.58 -7.50 -10.33
CA ASP A 28 3.70 -8.51 -10.94
C ASP A 28 4.24 -9.03 -12.27
N LYS A 29 3.47 -9.90 -12.93
CA LYS A 29 3.98 -10.55 -14.12
C LYS A 29 4.17 -9.59 -15.30
N TYR A 30 3.45 -8.46 -15.32
CA TYR A 30 3.64 -7.51 -16.42
C TYR A 30 5.01 -6.85 -16.34
N GLU A 31 5.39 -6.40 -15.14
CA GLU A 31 6.70 -5.80 -14.96
C GLU A 31 7.80 -6.85 -15.09
N ARG A 32 7.59 -8.05 -14.53
CA ARG A 32 8.65 -9.07 -14.59
C ARG A 32 8.90 -9.50 -16.03
N GLN A 33 7.84 -9.65 -16.83
CA GLN A 33 8.03 -10.03 -18.22
C GLN A 33 8.77 -8.95 -19.01
N ASN A 34 8.43 -7.68 -18.78
CA ASN A 34 9.11 -6.59 -19.48
C ASN A 34 10.59 -6.55 -19.11
N LEU A 35 10.94 -6.91 -17.88
CA LEU A 35 12.33 -6.92 -17.43
C LEU A 35 13.07 -8.18 -17.84
N GLY A 36 12.34 -9.24 -18.17
CA GLY A 36 12.92 -10.55 -18.36
C GLY A 36 13.46 -11.21 -17.11
N VAL A 37 12.75 -11.07 -15.99
CA VAL A 37 13.19 -11.69 -14.75
C VAL A 37 12.09 -12.64 -14.26
N SER A 38 12.51 -13.59 -13.45
CA SER A 38 11.61 -14.50 -12.76
C SER A 38 11.60 -14.19 -11.26
N VAL A 39 10.58 -14.70 -10.57
CA VAL A 39 10.60 -14.63 -9.11
C VAL A 39 11.85 -15.34 -8.62
N GLY A 40 12.56 -14.68 -7.71
CA GLY A 40 13.81 -15.21 -7.17
C GLY A 40 15.04 -14.60 -7.79
N ASP A 41 14.90 -13.93 -8.94
CA ASP A 41 16.01 -13.21 -9.56
C ASP A 41 16.26 -11.88 -8.83
N TYR A 42 17.30 -11.17 -9.22
CA TYR A 42 17.63 -9.90 -8.58
C TYR A 42 17.46 -8.74 -9.56
N VAL A 43 16.98 -7.61 -9.06
CA VAL A 43 16.90 -6.40 -9.86
C VAL A 43 17.71 -5.30 -9.20
N GLU A 44 18.16 -4.37 -10.02
CA GLU A 44 18.69 -3.09 -9.56
C GLU A 44 17.55 -2.07 -9.58
N VAL A 45 17.34 -1.38 -8.45
CA VAL A 45 16.30 -0.34 -8.34
C VAL A 45 17.04 1.00 -8.23
N LYS A 46 16.66 1.96 -9.06
CA LYS A 46 17.49 3.13 -9.28
C LYS A 46 16.67 4.41 -9.16
N LYS A 47 17.19 5.38 -8.39
CA LYS A 47 16.71 6.74 -8.41
C LYS A 47 17.90 7.60 -8.81
N ALA A 48 18.61 8.21 -7.85
CA ALA A 48 19.87 8.86 -8.13
C ALA A 48 21.07 7.99 -7.78
N LYS A 49 20.78 6.89 -7.10
CA LYS A 49 21.76 5.81 -6.89
C LYS A 49 21.00 4.47 -7.06
N SER A 50 21.72 3.37 -6.89
CA SER A 50 21.10 2.07 -7.13
C SER A 50 21.18 1.18 -5.89
N VAL A 51 20.16 0.35 -5.69
CA VAL A 51 20.20 -0.74 -4.72
C VAL A 51 19.85 -2.03 -5.45
N VAL A 52 20.21 -3.16 -4.84
CA VAL A 52 19.91 -4.49 -5.40
C VAL A 52 18.90 -5.14 -4.50
N ALA A 53 17.90 -5.82 -5.09
CA ALA A 53 16.86 -6.48 -4.30
C ALA A 53 16.37 -7.73 -5.01
N ARG A 54 15.86 -8.68 -4.23
CA ARG A 54 15.35 -9.93 -4.77
C ARG A 54 13.87 -9.79 -5.15
N VAL A 55 13.50 -10.39 -6.28
CA VAL A 55 12.14 -10.25 -6.81
C VAL A 55 11.21 -11.27 -6.15
N ALA A 56 10.08 -10.81 -5.63
CA ALA A 56 9.06 -11.66 -5.09
C ALA A 56 7.73 -11.36 -5.79
N PRO A 57 6.74 -12.26 -5.73
CA PRO A 57 5.49 -12.04 -6.47
C PRO A 57 4.65 -10.92 -5.89
N ALA A 58 3.80 -10.36 -6.74
CA ALA A 58 2.91 -9.28 -6.33
C ALA A 58 1.77 -9.76 -5.44
N HIS A 59 1.28 -8.87 -4.59
CA HIS A 59 0.00 -9.09 -3.95
C HIS A 59 -1.12 -9.00 -4.99
N PRO A 60 -2.13 -9.88 -4.91
CA PRO A 60 -3.21 -9.85 -5.92
C PRO A 60 -3.81 -8.48 -6.13
N GLU A 61 -4.04 -7.73 -5.05
CA GLU A 61 -4.67 -6.42 -5.16
C GLU A 61 -3.84 -5.44 -5.99
N ASP A 62 -2.51 -5.63 -6.02
CA ASP A 62 -1.63 -4.72 -6.75
C ASP A 62 -1.47 -5.05 -8.23
N VAL A 63 -1.93 -6.20 -8.68
CA VAL A 63 -1.67 -6.62 -10.08
C VAL A 63 -2.23 -5.64 -11.11
N GLY A 64 -1.39 -5.24 -12.04
CA GLY A 64 -1.77 -4.32 -13.12
C GLY A 64 -1.60 -2.85 -12.78
N LYS A 65 -1.29 -2.54 -11.53
CA LYS A 65 -1.17 -1.13 -11.12
C LYS A 65 0.25 -0.58 -11.38
N GLY A 66 1.19 -1.38 -11.86
CA GLY A 66 2.52 -0.87 -12.13
C GLY A 66 3.28 -0.43 -10.89
N ILE A 67 3.13 -1.19 -9.82
CA ILE A 67 3.72 -0.91 -8.47
C ILE A 67 4.95 -1.79 -8.18
N VAL A 68 5.93 -1.22 -7.49
CA VAL A 68 6.95 -2.04 -6.85
C VAL A 68 6.83 -1.82 -5.35
N ARG A 69 6.53 -2.88 -4.59
CA ARG A 69 6.50 -2.80 -3.14
C ARG A 69 7.92 -2.86 -2.61
N MET A 70 8.24 -1.88 -1.77
CA MET A 70 9.62 -1.74 -1.25
C MET A 70 9.60 -1.49 0.26
N ASP A 71 10.48 -2.17 0.97
CA ASP A 71 10.64 -1.99 2.41
C ASP A 71 11.32 -0.66 2.71
N LYS A 72 11.23 -0.21 3.97
CA LYS A 72 11.71 1.13 4.30
C LYS A 72 13.23 1.23 4.18
N TYR A 73 13.96 0.15 4.43
CA TYR A 73 15.41 0.20 4.31
C TYR A 73 15.84 0.62 2.91
N GLU A 74 15.25 0.01 1.88
CA GLU A 74 15.59 0.33 0.51
C GLU A 74 15.05 1.70 0.11
N ARG A 75 13.83 2.05 0.56
CA ARG A 75 13.29 3.38 0.24
C ARG A 75 14.19 4.46 0.80
N GLN A 76 14.60 4.31 2.06
CA GLN A 76 15.41 5.35 2.70
C GLN A 76 16.77 5.46 2.04
N ASN A 77 17.37 4.34 1.65
CA ASN A 77 18.66 4.37 0.96
C ASN A 77 18.57 5.16 -0.34
N LEU A 78 17.53 4.92 -1.14
CA LEU A 78 17.33 5.63 -2.39
C LEU A 78 16.81 7.05 -2.19
N GLY A 79 16.26 7.36 -1.03
CA GLY A 79 15.68 8.68 -0.84
C GLY A 79 14.37 8.87 -1.56
N VAL A 80 13.60 7.81 -1.76
CA VAL A 80 12.34 7.88 -2.47
C VAL A 80 11.20 7.81 -1.47
N SER A 81 10.14 8.55 -1.76
CA SER A 81 8.88 8.54 -1.02
C SER A 81 7.89 7.58 -1.67
N VAL A 82 6.99 7.04 -0.85
CA VAL A 82 5.84 6.33 -1.39
C VAL A 82 5.15 7.22 -2.40
N GLY A 83 4.87 6.67 -3.58
CA GLY A 83 4.25 7.40 -4.66
C GLY A 83 5.21 7.92 -5.70
N ASP A 84 6.50 8.05 -5.34
CA ASP A 84 7.56 8.34 -6.31
C ASP A 84 7.73 7.18 -7.30
N TYR A 85 8.41 7.47 -8.39
CA TYR A 85 8.77 6.46 -9.38
C TYR A 85 10.25 6.13 -9.31
N VAL A 86 10.57 4.88 -9.65
CA VAL A 86 11.93 4.37 -9.72
C VAL A 86 12.10 3.61 -11.04
N GLU A 87 13.34 3.51 -11.49
CA GLU A 87 13.72 2.67 -12.63
C GLU A 87 14.15 1.29 -12.12
N VAL A 88 13.70 0.24 -12.79
CA VAL A 88 14.06 -1.13 -12.42
C VAL A 88 14.66 -1.84 -13.63
N LYS A 89 15.71 -2.63 -13.42
CA LYS A 89 16.34 -3.40 -14.48
C LYS A 89 16.88 -4.69 -13.88
N LYS A 90 16.99 -5.73 -14.70
CA LYS A 90 17.63 -6.95 -14.23
C LYS A 90 19.05 -6.65 -13.76
N ALA A 91 19.47 -7.26 -12.65
CA ALA A 91 20.79 -7.01 -12.09
C ALA A 91 21.85 -7.88 -12.77
N GLY B 1 -16.06 25.10 -13.62
CA GLY B 1 -16.47 23.76 -14.06
C GLY B 1 -16.49 22.79 -12.89
N PRO B 2 -16.58 21.47 -13.10
CA PRO B 2 -16.64 20.55 -11.98
C PRO B 2 -15.49 20.71 -10.98
N MET B 3 -15.80 20.69 -9.69
CA MET B 3 -14.76 20.84 -8.63
C MET B 3 -14.97 19.80 -7.52
N PRO B 4 -14.85 18.50 -7.85
CA PRO B 4 -15.12 17.45 -6.88
C PRO B 4 -14.28 17.37 -5.60
N GLY B 5 -12.99 17.64 -5.67
CA GLY B 5 -12.22 17.48 -4.42
C GLY B 5 -11.60 16.12 -4.38
N LYS B 6 -10.63 15.94 -3.52
CA LYS B 6 -9.83 14.72 -3.54
C LYS B 6 -10.53 13.56 -2.85
N SER B 7 -10.32 12.37 -3.38
CA SER B 7 -10.81 11.16 -2.69
C SER B 7 -9.77 10.07 -2.87
N VAL B 8 -9.80 9.13 -1.94
CA VAL B 8 -8.96 7.93 -2.07
C VAL B 8 -9.91 6.73 -2.02
N VAL B 9 -9.46 5.62 -2.54
CA VAL B 9 -10.24 4.39 -2.57
C VAL B 9 -9.64 3.44 -1.55
N ALA B 10 -10.49 2.79 -0.74
CA ALA B 10 -10.05 1.86 0.28
C ALA B 10 -10.95 0.64 0.30
N ARG B 11 -10.40 -0.50 0.76
CA ARG B 11 -11.15 -1.73 0.94
C ARG B 11 -11.63 -1.88 2.39
N VAL B 12 -12.93 -2.20 2.56
CA VAL B 12 -13.54 -2.31 3.88
C VAL B 12 -13.07 -3.59 4.57
N ALA B 13 -12.56 -3.46 5.79
CA ALA B 13 -12.26 -4.58 6.67
C ALA B 13 -13.02 -4.45 7.99
N PRO B 14 -13.31 -5.55 8.69
CA PRO B 14 -14.16 -5.45 9.89
C PRO B 14 -13.43 -4.88 11.09
N ALA B 15 -14.09 -3.94 11.77
CA ALA B 15 -13.60 -3.47 13.05
C ALA B 15 -13.51 -4.59 14.08
N HIS B 16 -12.45 -4.54 14.88
CA HIS B 16 -12.29 -5.39 16.03
C HIS B 16 -13.34 -5.08 17.10
N PRO B 17 -13.72 -6.07 17.91
CA PRO B 17 -14.87 -5.87 18.82
C PRO B 17 -14.69 -4.72 19.80
N GLU B 18 -13.46 -4.41 20.17
CA GLU B 18 -13.12 -3.30 21.10
C GLU B 18 -13.55 -1.95 20.50
N ASP B 19 -13.53 -1.82 19.18
CA ASP B 19 -13.80 -0.55 18.51
C ASP B 19 -15.25 -0.41 18.06
N VAL B 20 -16.06 -1.43 18.22
CA VAL B 20 -17.45 -1.34 17.72
C VAL B 20 -18.22 -0.25 18.47
N GLY B 21 -18.94 0.59 17.72
CA GLY B 21 -19.77 1.67 18.29
C GLY B 21 -19.01 2.93 18.63
N LYS B 22 -17.73 3.03 18.30
CA LYS B 22 -16.92 4.22 18.65
C LYS B 22 -17.03 5.31 17.59
N GLY B 23 -17.54 5.02 16.41
CA GLY B 23 -17.66 6.06 15.37
C GLY B 23 -16.35 6.41 14.70
N ILE B 24 -15.41 5.48 14.69
CA ILE B 24 -14.11 5.69 14.08
C ILE B 24 -13.97 4.87 12.80
N VAL B 25 -13.02 5.30 11.97
CA VAL B 25 -12.52 4.50 10.85
CA VAL B 25 -12.48 4.46 10.77
C VAL B 25 -11.01 4.52 10.94
N ARG B 26 -10.39 3.34 10.89
CA ARG B 26 -8.94 3.25 10.96
C ARG B 26 -8.37 3.25 9.55
N MET B 27 -7.46 4.19 9.30
CA MET B 27 -6.74 4.33 8.04
C MET B 27 -5.27 4.57 8.36
N ASP B 28 -4.39 4.08 7.50
CA ASP B 28 -2.98 4.15 7.81
C ASP B 28 -2.39 5.50 7.35
N LYS B 29 -1.12 5.69 7.68
CA LYS B 29 -0.51 7.00 7.45
C LYS B 29 -0.42 7.36 5.98
N TYR B 30 -0.38 6.35 5.10
CA TYR B 30 -0.26 6.62 3.67
C TYR B 30 -1.57 7.16 3.12
N GLU B 31 -2.69 6.52 3.46
CA GLU B 31 -3.99 7.05 3.05
C GLU B 31 -4.25 8.42 3.68
N ARG B 32 -3.88 8.60 4.95
CA ARG B 32 -4.07 9.90 5.59
C ARG B 32 -3.26 11.00 4.88
N GLN B 33 -2.02 10.68 4.51
CA GLN B 33 -1.18 11.68 3.86
C GLN B 33 -1.73 12.02 2.49
N ASN B 34 -2.26 11.03 1.79
CA ASN B 34 -2.84 11.28 0.47
C ASN B 34 -4.05 12.18 0.55
N LEU B 35 -4.92 11.94 1.53
CA LEU B 35 -6.13 12.72 1.72
C LEU B 35 -5.86 14.06 2.35
N GLY B 36 -4.83 14.18 3.17
CA GLY B 36 -4.57 15.40 3.92
C GLY B 36 -5.30 15.46 5.25
N VAL B 37 -5.43 14.33 5.94
CA VAL B 37 -6.12 14.28 7.22
C VAL B 37 -5.15 13.76 8.29
N SER B 38 -5.35 14.20 9.53
CA SER B 38 -4.65 13.65 10.67
C SER B 38 -5.62 12.80 11.51
N VAL B 39 -5.04 11.97 12.37
CA VAL B 39 -5.84 11.27 13.37
C VAL B 39 -6.68 12.27 14.14
N GLY B 40 -7.96 11.95 14.31
CA GLY B 40 -8.89 12.80 15.01
C GLY B 40 -9.66 13.77 14.14
N ASP B 41 -9.23 13.97 12.89
CA ASP B 41 -10.05 14.65 11.90
C ASP B 41 -11.20 13.73 11.50
N TYR B 42 -12.08 14.26 10.67
CA TYR B 42 -13.21 13.49 10.18
C TYR B 42 -13.13 13.31 8.66
N VAL B 43 -13.64 12.18 8.17
CA VAL B 43 -13.72 11.93 6.74
C VAL B 43 -15.13 11.53 6.38
N GLU B 44 -15.48 11.73 5.12
CA GLU B 44 -16.73 11.23 4.55
C GLU B 44 -16.44 9.94 3.78
N VAL B 45 -17.03 8.84 4.21
CA VAL B 45 -16.91 7.57 3.50
C VAL B 45 -18.16 7.42 2.64
N LYS B 46 -17.98 7.03 1.37
CA LYS B 46 -19.06 7.15 0.42
C LYS B 46 -19.11 5.97 -0.53
N LYS B 47 -20.31 5.47 -0.77
CA LYS B 47 -20.53 4.62 -1.94
C LYS B 47 -21.60 5.34 -2.76
N ALA B 48 -22.86 5.05 -2.48
CA ALA B 48 -23.93 5.95 -2.88
C ALA B 48 -24.44 6.76 -1.70
N LYS B 49 -24.62 6.10 -0.57
CA LYS B 49 -24.86 6.81 0.68
C LYS B 49 -23.53 7.30 1.25
N SER B 50 -23.61 8.23 2.20
CA SER B 50 -22.45 8.85 2.84
C SER B 50 -22.52 8.67 4.35
N VAL B 51 -21.37 8.41 4.95
CA VAL B 51 -21.27 8.32 6.42
C VAL B 51 -20.02 9.06 6.86
N VAL B 52 -20.16 9.94 7.85
CA VAL B 52 -18.98 10.68 8.36
C VAL B 52 -18.44 9.92 9.57
N ALA B 53 -17.13 9.70 9.60
CA ALA B 53 -16.53 9.01 10.74
C ALA B 53 -15.21 9.67 11.10
N ARG B 54 -14.82 9.49 12.32
CA ARG B 54 -13.53 10.07 12.82
C ARG B 54 -12.28 9.13 12.57
N VAL B 55 -11.24 9.77 12.09
CA VAL B 55 -10.04 9.03 11.68
C VAL B 55 -9.25 8.57 12.91
N ALA B 56 -8.87 7.30 12.91
CA ALA B 56 -8.05 6.65 13.93
C ALA B 56 -6.91 5.90 13.26
N PRO B 57 -5.84 5.60 13.98
CA PRO B 57 -4.67 4.98 13.32
C PRO B 57 -4.91 3.51 13.00
N ALA B 58 -4.13 3.02 12.03
CA ALA B 58 -4.32 1.67 11.54
C ALA B 58 -3.78 0.64 12.55
N HIS B 59 -4.36 -0.55 12.52
CA HIS B 59 -3.72 -1.68 13.17
C HIS B 59 -2.40 -1.99 12.45
N PRO B 60 -1.39 -2.46 13.18
CA PRO B 60 -0.11 -2.76 12.51
C PRO B 60 -0.24 -3.76 11.38
N GLU B 61 -1.09 -4.79 11.54
CA GLU B 61 -1.24 -5.75 10.46
C GLU B 61 -1.84 -5.17 9.19
N ASP B 62 -2.44 -3.97 9.23
CA ASP B 62 -3.07 -3.39 8.04
C ASP B 62 -2.21 -2.36 7.33
N VAL B 63 -1.09 -1.94 7.91
CA VAL B 63 -0.37 -0.78 7.37
C VAL B 63 0.18 -1.11 5.98
N GLY B 64 -0.17 -0.28 5.00
CA GLY B 64 0.23 -0.46 3.61
C GLY B 64 -0.74 -1.24 2.75
N LYS B 65 -1.85 -1.73 3.30
CA LYS B 65 -2.76 -2.61 2.60
C LYS B 65 -3.99 -1.91 2.03
N GLY B 66 -4.05 -0.59 2.12
CA GLY B 66 -5.18 0.15 1.53
C GLY B 66 -6.52 -0.24 2.12
N ILE B 67 -6.55 -0.34 3.43
CA ILE B 67 -7.76 -0.78 4.16
C ILE B 67 -8.37 0.36 4.98
N VAL B 68 -9.69 0.29 5.14
N VAL B 68 -9.69 0.27 5.18
CA VAL B 68 -10.39 1.13 6.14
CA VAL B 68 -10.41 1.14 6.17
C VAL B 68 -11.17 0.16 7.06
C VAL B 68 -11.22 0.21 7.09
N ARG B 69 -10.87 0.17 8.38
CA ARG B 69 -11.62 -0.65 9.34
C ARG B 69 -12.88 0.11 9.75
N MET B 70 -13.99 -0.57 9.57
CA MET B 70 -15.33 -0.02 9.90
C MET B 70 -16.19 -1.09 10.58
N ASP B 71 -17.01 -0.66 11.51
CA ASP B 71 -17.86 -1.60 12.23
C ASP B 71 -19.22 -1.80 11.54
N LYS B 72 -20.06 -2.67 12.12
CA LYS B 72 -21.30 -3.02 11.45
C LYS B 72 -22.28 -1.86 11.36
N TYR B 73 -22.23 -0.93 12.32
CA TYR B 73 -23.10 0.24 12.26
C TYR B 73 -22.73 1.13 11.07
N GLU B 74 -21.43 1.38 10.91
CA GLU B 74 -20.94 2.18 9.78
C GLU B 74 -21.21 1.50 8.45
N ARG B 75 -20.94 0.19 8.37
CA ARG B 75 -21.15 -0.52 7.11
C ARG B 75 -22.62 -0.54 6.74
N GLN B 76 -23.52 -0.68 7.72
CA GLN B 76 -24.95 -0.73 7.41
C GLN B 76 -25.41 0.62 6.86
N ASN B 77 -24.94 1.71 7.49
CA ASN B 77 -25.34 3.05 7.08
C ASN B 77 -24.78 3.40 5.71
N LEU B 78 -23.70 2.75 5.30
CA LEU B 78 -23.15 2.92 3.96
C LEU B 78 -23.76 1.98 2.94
N GLY B 79 -24.36 0.88 3.39
CA GLY B 79 -24.84 -0.13 2.44
C GLY B 79 -23.75 -0.97 1.82
N VAL B 80 -22.68 -1.26 2.57
CA VAL B 80 -21.56 -2.05 2.08
C VAL B 80 -21.32 -3.24 3.00
N SER B 81 -20.59 -4.22 2.46
CA SER B 81 -20.10 -5.39 3.20
C SER B 81 -18.58 -5.37 3.30
N VAL B 82 -18.08 -6.19 4.24
CA VAL B 82 -16.64 -6.43 4.30
C VAL B 82 -16.15 -6.89 2.92
N GLY B 83 -15.00 -6.35 2.49
CA GLY B 83 -14.44 -6.65 1.18
C GLY B 83 -14.87 -5.72 0.06
N ASP B 84 -15.90 -4.91 0.25
CA ASP B 84 -16.28 -3.91 -0.73
C ASP B 84 -15.25 -2.78 -0.75
N TYR B 85 -15.23 -2.02 -1.85
CA TYR B 85 -14.44 -0.81 -1.96
C TYR B 85 -15.33 0.39 -1.70
N VAL B 86 -14.73 1.44 -1.11
CA VAL B 86 -15.41 2.70 -0.83
C VAL B 86 -14.49 3.85 -1.19
N GLU B 87 -15.11 5.02 -1.38
CA GLU B 87 -14.42 6.28 -1.57
C GLU B 87 -14.38 7.02 -0.25
N VAL B 88 -13.25 7.69 0.03
CA VAL B 88 -13.06 8.43 1.28
C VAL B 88 -12.63 9.85 0.93
N LYS B 89 -13.32 10.83 1.47
CA LYS B 89 -13.04 12.24 1.22
C LYS B 89 -12.85 12.95 2.56
N LYS B 90 -12.29 14.15 2.49
CA LYS B 90 -12.17 14.95 3.70
C LYS B 90 -13.55 15.43 4.16
N ALA B 91 -13.72 15.50 5.48
CA ALA B 91 -14.87 16.16 6.14
C ALA B 91 -14.43 17.04 7.31
N GLY C 1 42.66 -13.00 3.48
CA GLY C 1 42.52 -13.07 4.94
C GLY C 1 41.12 -12.67 5.39
N PRO C 2 40.50 -13.38 6.33
CA PRO C 2 39.14 -13.05 6.77
C PRO C 2 38.98 -11.63 7.34
N MET C 3 37.92 -10.94 6.94
CA MET C 3 37.64 -9.57 7.45
C MET C 3 36.16 -9.46 7.84
N PRO C 4 35.67 -10.20 8.81
CA PRO C 4 34.27 -10.11 9.14
C PRO C 4 33.92 -8.73 9.74
N GLY C 5 32.67 -8.32 9.60
CA GLY C 5 32.31 -7.08 10.29
C GLY C 5 32.23 -7.28 11.79
N LYS C 6 32.37 -6.22 12.57
CA LYS C 6 32.16 -6.36 14.02
C LYS C 6 30.73 -6.82 14.30
N SER C 7 30.54 -7.64 15.33
CA SER C 7 29.18 -8.05 15.72
C SER C 7 29.09 -8.14 17.24
N VAL C 8 27.89 -8.03 17.73
CA VAL C 8 27.56 -8.28 19.12
C VAL C 8 26.46 -9.33 19.18
N VAL C 9 26.34 -9.98 20.34
CA VAL C 9 25.36 -11.05 20.55
C VAL C 9 24.34 -10.55 21.57
N ALA C 10 23.06 -10.76 21.27
CA ALA C 10 21.95 -10.32 22.12
C ALA C 10 20.86 -11.39 22.16
N ARG C 11 20.09 -11.34 23.24
CA ARG C 11 18.98 -12.29 23.44
C ARG C 11 17.68 -11.63 22.96
N VAL C 12 16.89 -12.39 22.23
CA VAL C 12 15.65 -11.87 21.64
C VAL C 12 14.58 -11.76 22.73
N ALA C 13 13.93 -10.61 22.79
CA ALA C 13 12.82 -10.34 23.70
C ALA C 13 11.66 -9.80 22.89
N PRO C 14 10.41 -10.08 23.30
CA PRO C 14 9.27 -9.65 22.48
C PRO C 14 9.08 -8.15 22.52
N ALA C 15 8.59 -7.60 21.41
CA ALA C 15 8.34 -6.18 21.32
C ALA C 15 7.09 -5.80 22.10
N HIS C 16 7.05 -4.55 22.53
CA HIS C 16 5.82 -4.04 23.17
C HIS C 16 4.82 -3.79 22.05
N PRO C 17 3.53 -3.99 22.29
CA PRO C 17 2.54 -3.85 21.20
C PRO C 17 2.58 -2.50 20.50
N GLU C 18 2.99 -1.43 21.19
CA GLU C 18 3.11 -0.12 20.55
C GLU C 18 4.18 -0.10 19.47
N ASP C 19 5.14 -1.04 19.51
CA ASP C 19 6.21 -1.02 18.52
C ASP C 19 5.98 -2.00 17.38
N VAL C 20 4.95 -2.83 17.46
CA VAL C 20 4.75 -3.88 16.46
C VAL C 20 4.51 -3.27 15.07
N GLY C 21 5.22 -3.82 14.08
CA GLY C 21 5.07 -3.39 12.71
C GLY C 21 5.91 -2.21 12.28
N LYS C 22 6.66 -1.59 13.21
CA LYS C 22 7.43 -0.40 12.88
C LYS C 22 8.80 -0.71 12.29
N GLY C 23 9.19 -1.98 12.23
CA GLY C 23 10.48 -2.34 11.69
C GLY C 23 11.66 -1.88 12.53
N ILE C 24 11.50 -1.85 13.85
CA ILE C 24 12.57 -1.36 14.72
C ILE C 24 13.09 -2.52 15.58
N VAL C 25 14.30 -2.33 16.10
CA VAL C 25 14.82 -3.18 17.17
C VAL C 25 15.33 -2.26 18.27
N ARG C 26 14.93 -2.53 19.51
CA ARG C 26 15.40 -1.73 20.62
C ARG C 26 16.66 -2.35 21.21
N MET C 27 17.73 -1.53 21.30
CA MET C 27 18.98 -1.91 21.96
C MET C 27 19.39 -0.79 22.90
N ASP C 28 20.17 -1.12 23.93
CA ASP C 28 20.58 -0.06 24.83
C ASP C 28 21.88 0.59 24.40
N LYS C 29 22.27 1.63 25.14
CA LYS C 29 23.45 2.42 24.76
C LYS C 29 24.73 1.61 24.83
N TYR C 30 24.77 0.55 25.63
CA TYR C 30 25.97 -0.27 25.69
C TYR C 30 26.16 -1.04 24.40
N GLU C 31 25.08 -1.64 23.93
CA GLU C 31 25.17 -2.40 22.66
C GLU C 31 25.40 -1.42 21.52
N ARG C 32 24.72 -0.29 21.50
CA ARG C 32 24.91 0.69 20.43
C ARG C 32 26.35 1.17 20.39
N GLN C 33 26.92 1.44 21.56
CA GLN C 33 28.32 1.87 21.61
C GLN C 33 29.26 0.77 21.12
N ASN C 34 28.98 -0.49 21.50
CA ASN C 34 29.86 -1.57 21.07
C ASN C 34 29.81 -1.77 19.55
N LEU C 35 28.65 -1.56 18.93
CA LEU C 35 28.53 -1.71 17.49
C LEU C 35 28.91 -0.44 16.73
N GLY C 36 28.73 0.73 17.34
CA GLY C 36 28.96 1.98 16.65
C GLY C 36 27.78 2.45 15.85
N VAL C 37 26.57 2.28 16.37
CA VAL C 37 25.35 2.70 15.69
C VAL C 37 24.62 3.70 16.57
N SER C 38 23.93 4.63 15.93
CA SER C 38 23.07 5.59 16.62
C SER C 38 21.62 5.17 16.45
N VAL C 39 20.78 5.68 17.35
CA VAL C 39 19.34 5.56 17.15
C VAL C 39 18.98 6.14 15.79
N GLY C 40 18.25 5.36 14.99
CA GLY C 40 17.88 5.75 13.65
C GLY C 40 18.71 5.12 12.56
N ASP C 41 19.91 4.62 12.90
CA ASP C 41 20.69 3.79 11.98
C ASP C 41 20.04 2.42 11.83
N TYR C 42 20.58 1.64 10.91
CA TYR C 42 20.08 0.27 10.70
C TYR C 42 21.14 -0.75 11.12
N VAL C 43 20.65 -1.91 11.51
CA VAL C 43 21.50 -3.05 11.88
C VAL C 43 21.01 -4.28 11.12
N GLU C 44 21.91 -5.23 10.92
CA GLU C 44 21.56 -6.54 10.37
C GLU C 44 21.50 -7.52 11.51
N VAL C 45 20.34 -8.13 11.74
CA VAL C 45 20.17 -9.14 12.79
C VAL C 45 20.23 -10.49 12.12
N LYS C 46 21.05 -11.40 12.66
CA LYS C 46 21.37 -12.58 11.88
C LYS C 46 21.41 -13.82 12.76
N LYS C 47 20.88 -14.92 12.24
CA LYS C 47 21.18 -16.22 12.77
C LYS C 47 21.70 -17.02 11.59
N ALA C 48 20.85 -17.80 10.93
CA ALA C 48 21.20 -18.28 9.60
C ALA C 48 20.70 -17.29 8.55
N LYS C 49 19.43 -16.93 8.67
CA LYS C 49 18.86 -15.86 7.86
C LYS C 49 19.24 -14.50 8.46
N SER C 50 18.94 -13.44 7.70
CA SER C 50 19.25 -12.09 8.14
C SER C 50 18.03 -11.20 7.94
N VAL C 51 17.86 -10.23 8.84
CA VAL C 51 16.82 -9.23 8.70
C VAL C 51 17.43 -7.88 9.06
N VAL C 52 17.09 -6.83 8.30
CA VAL C 52 17.58 -5.49 8.59
C VAL C 52 16.49 -4.73 9.35
N ALA C 53 16.86 -4.04 10.41
CA ALA C 53 15.89 -3.31 11.23
C ALA C 53 16.50 -1.99 11.69
N ARG C 54 15.63 -1.05 12.05
CA ARG C 54 16.08 0.28 12.44
C ARG C 54 16.26 0.35 13.94
N VAL C 55 17.42 0.87 14.36
CA VAL C 55 17.79 0.98 15.77
C VAL C 55 16.90 1.97 16.50
N ALA C 56 16.42 1.55 17.67
CA ALA C 56 15.60 2.37 18.55
C ALA C 56 16.11 2.22 19.98
N PRO C 57 15.84 3.19 20.84
CA PRO C 57 16.36 3.12 22.22
C PRO C 57 15.70 2.02 23.03
N ALA C 58 16.42 1.55 24.04
CA ALA C 58 15.87 0.53 24.92
C ALA C 58 14.87 1.12 25.89
N HIS C 59 13.92 0.30 26.31
CA HIS C 59 13.12 0.68 27.46
C HIS C 59 13.99 0.63 28.72
N PRO C 60 13.78 1.56 29.66
CA PRO C 60 14.73 1.69 30.78
C PRO C 60 14.82 0.45 31.65
N GLU C 61 13.74 -0.32 31.75
CA GLU C 61 13.80 -1.59 32.49
C GLU C 61 14.75 -2.59 31.84
N ASP C 62 15.06 -2.43 30.55
CA ASP C 62 15.88 -3.40 29.84
C ASP C 62 17.36 -3.01 29.75
N VAL C 63 17.74 -1.83 30.25
CA VAL C 63 19.13 -1.41 30.14
C VAL C 63 20.05 -2.38 30.87
N GLY C 64 21.10 -2.84 30.17
CA GLY C 64 22.09 -3.70 30.75
C GLY C 64 21.82 -5.19 30.64
N LYS C 65 20.62 -5.57 30.22
CA LYS C 65 20.23 -6.98 30.17
C LYS C 65 20.68 -7.68 28.89
N GLY C 66 21.31 -6.96 27.97
CA GLY C 66 21.83 -7.61 26.77
C GLY C 66 20.74 -8.19 25.88
N ILE C 67 19.61 -7.51 25.77
CA ILE C 67 18.51 -8.00 24.96
C ILE C 67 18.30 -7.10 23.74
N VAL C 68 17.64 -7.66 22.73
CA VAL C 68 17.13 -6.90 21.59
C VAL C 68 15.63 -7.19 21.48
N ARG C 69 14.82 -6.14 21.45
CA ARG C 69 13.37 -6.29 21.33
C ARG C 69 12.98 -6.34 19.86
N MET C 70 12.29 -7.41 19.46
CA MET C 70 11.88 -7.63 18.07
C MET C 70 10.44 -8.15 18.04
N ASP C 71 9.64 -7.69 17.07
CA ASP C 71 8.24 -8.12 17.03
C ASP C 71 8.10 -9.43 16.26
N LYS C 72 6.85 -9.93 16.15
CA LYS C 72 6.64 -11.25 15.56
C LYS C 72 6.97 -11.29 14.07
N TYR C 73 6.81 -10.17 13.36
CA TYR C 73 7.13 -10.15 11.94
C TYR C 73 8.62 -10.32 11.73
N GLU C 74 9.41 -9.59 12.50
CA GLU C 74 10.86 -9.68 12.43
C GLU C 74 11.35 -11.05 12.85
N ARG C 75 10.82 -11.57 13.96
CA ARG C 75 11.27 -12.88 14.45
C ARG C 75 10.95 -13.99 13.46
N GLN C 76 9.78 -13.93 12.82
CA GLN C 76 9.46 -14.94 11.82
C GLN C 76 10.40 -14.85 10.63
N ASN C 77 10.75 -13.63 10.20
CA ASN C 77 11.64 -13.51 9.05
C ASN C 77 13.05 -13.94 9.37
N LEU C 78 13.44 -13.88 10.65
CA LEU C 78 14.74 -14.36 11.10
C LEU C 78 14.73 -15.85 11.38
N GLY C 79 13.56 -16.43 11.65
CA GLY C 79 13.49 -17.81 12.08
C GLY C 79 13.88 -18.07 13.52
N VAL C 80 13.54 -17.15 14.43
CA VAL C 80 13.90 -17.29 15.84
C VAL C 80 12.67 -17.14 16.71
N SER C 81 12.82 -17.56 17.97
CA SER C 81 11.79 -17.41 18.98
C SER C 81 12.29 -16.48 20.07
N VAL C 82 11.34 -16.01 20.88
CA VAL C 82 11.73 -15.27 22.08
C VAL C 82 12.65 -16.14 22.93
N GLY C 83 13.72 -15.54 23.44
CA GLY C 83 14.70 -16.27 24.22
C GLY C 83 15.88 -16.80 23.43
N ASP C 84 15.81 -16.82 22.11
CA ASP C 84 16.96 -17.18 21.29
C ASP C 84 18.02 -16.08 21.33
N TYR C 85 19.26 -16.47 21.07
CA TYR C 85 20.35 -15.52 20.85
C TYR C 85 20.57 -15.30 19.36
N VAL C 86 20.92 -14.07 19.01
CA VAL C 86 21.18 -13.64 17.63
C VAL C 86 22.45 -12.79 17.60
N GLU C 87 23.03 -12.71 16.41
CA GLU C 87 24.13 -11.80 16.12
C GLU C 87 23.57 -10.50 15.55
N VAL C 88 24.21 -9.38 15.88
CA VAL C 88 23.79 -8.06 15.41
C VAL C 88 25.01 -7.33 14.83
N LYS C 89 24.86 -6.81 13.62
CA LYS C 89 25.93 -6.13 12.90
C LYS C 89 25.44 -4.82 12.28
N LYS C 90 26.40 -3.96 11.90
CA LYS C 90 26.02 -2.71 11.27
C LYS C 90 25.45 -2.96 9.87
N ALA C 91 24.45 -2.16 9.52
CA ALA C 91 23.85 -2.15 8.18
C ALA C 91 23.53 -0.71 7.77
N GLY D 5 2.26 -1.56 -16.15
CA GLY D 5 1.03 -2.28 -15.74
C GLY D 5 0.07 -2.61 -16.88
N LYS D 6 -1.24 -2.64 -16.60
CA LYS D 6 -2.29 -2.96 -17.61
C LYS D 6 -3.52 -2.08 -17.41
N SER D 7 -3.87 -1.26 -18.41
CA SER D 7 -4.97 -0.28 -18.60
C SER D 7 -5.87 -0.69 -19.79
N VAL D 8 -7.11 -0.17 -19.94
CA VAL D 8 -7.89 -0.37 -21.15
C VAL D 8 -8.19 1.01 -21.72
N VAL D 9 -8.34 1.06 -23.03
CA VAL D 9 -8.66 2.31 -23.73
C VAL D 9 -10.07 2.15 -24.27
N ALA D 10 -10.92 3.15 -24.05
CA ALA D 10 -12.32 3.09 -24.42
C ALA D 10 -12.77 4.43 -24.97
N ARG D 11 -13.79 4.36 -25.79
CA ARG D 11 -14.38 5.56 -26.39
C ARG D 11 -15.48 6.12 -25.47
N VAL D 12 -15.47 7.43 -25.24
CA VAL D 12 -16.45 8.05 -24.37
C VAL D 12 -17.81 8.08 -25.03
N ALA D 13 -18.84 7.67 -24.30
CA ALA D 13 -20.23 7.77 -24.74
C ALA D 13 -21.04 8.42 -23.63
N PRO D 14 -22.15 9.09 -23.98
CA PRO D 14 -22.93 9.80 -22.95
C PRO D 14 -23.81 8.83 -22.15
N ALA D 15 -23.78 8.96 -20.83
CA ALA D 15 -24.62 8.11 -19.99
C ALA D 15 -26.11 8.34 -20.26
N HIS D 16 -26.90 7.28 -20.10
CA HIS D 16 -28.34 7.38 -20.25
C HIS D 16 -28.92 8.17 -19.06
N PRO D 17 -30.15 8.69 -19.18
CA PRO D 17 -30.64 9.63 -18.14
C PRO D 17 -30.78 9.01 -16.77
N GLU D 18 -31.00 7.70 -16.65
CA GLU D 18 -31.21 7.15 -15.32
C GLU D 18 -29.94 7.15 -14.47
N ASP D 19 -28.78 7.37 -15.08
CA ASP D 19 -27.51 7.32 -14.34
C ASP D 19 -27.08 8.72 -13.86
N VAL D 20 -27.92 9.71 -14.09
CA VAL D 20 -27.56 11.13 -13.79
C VAL D 20 -27.04 11.32 -12.36
N GLY D 21 -25.87 11.94 -12.23
CA GLY D 21 -25.29 12.36 -10.95
C GLY D 21 -24.72 11.28 -10.06
N LYS D 22 -24.64 10.05 -10.55
CA LYS D 22 -24.27 8.94 -9.69
C LYS D 22 -22.77 8.64 -9.64
N GLY D 23 -21.98 9.23 -10.53
CA GLY D 23 -20.55 8.95 -10.55
C GLY D 23 -20.20 7.53 -10.94
N ILE D 24 -20.99 6.91 -11.80
CA ILE D 24 -20.67 5.55 -12.27
C ILE D 24 -20.17 5.63 -13.71
N VAL D 25 -19.40 4.61 -14.12
CA VAL D 25 -19.02 4.42 -15.50
CA VAL D 25 -18.98 4.39 -15.59
C VAL D 25 -19.45 3.01 -15.90
N ARG D 26 -20.12 2.89 -17.03
CA ARG D 26 -20.59 1.58 -17.50
C ARG D 26 -19.56 0.95 -18.41
N MET D 27 -19.14 -0.26 -18.06
CA MET D 27 -18.14 -1.03 -18.78
C MET D 27 -18.71 -2.40 -19.09
N ASP D 28 -18.51 -2.86 -20.31
CA ASP D 28 -19.01 -4.21 -20.65
C ASP D 28 -18.09 -5.28 -20.06
N LYS D 29 -18.49 -6.55 -20.19
CA LYS D 29 -17.73 -7.64 -19.56
C LYS D 29 -16.33 -7.78 -20.15
N TYR D 30 -16.18 -7.42 -21.42
CA TYR D 30 -14.82 -7.55 -21.99
C TYR D 30 -13.85 -6.55 -21.32
N GLU D 31 -14.28 -5.31 -21.26
CA GLU D 31 -13.45 -4.24 -20.65
C GLU D 31 -13.16 -4.60 -19.20
N ARG D 32 -14.18 -4.99 -18.42
CA ARG D 32 -13.96 -5.36 -17.03
C ARG D 32 -12.97 -6.51 -16.93
N GLN D 33 -13.14 -7.53 -17.77
CA GLN D 33 -12.27 -8.70 -17.69
C GLN D 33 -10.83 -8.35 -18.05
N ASN D 34 -10.67 -7.49 -19.08
CA ASN D 34 -9.37 -7.00 -19.64
C ASN D 34 -8.58 -6.16 -18.59
N LEU D 35 -9.30 -5.36 -17.84
CA LEU D 35 -8.68 -4.53 -16.80
C LEU D 35 -8.55 -5.32 -15.49
N GLY D 36 -9.37 -6.33 -15.24
CA GLY D 36 -9.34 -7.10 -14.02
C GLY D 36 -10.13 -6.48 -12.89
N VAL D 37 -11.30 -5.90 -13.20
CA VAL D 37 -12.17 -5.31 -12.19
C VAL D 37 -13.56 -5.94 -12.26
N SER D 38 -14.32 -5.73 -11.18
CA SER D 38 -15.68 -6.23 -11.06
C SER D 38 -16.66 -5.07 -10.92
N VAL D 39 -17.92 -5.35 -11.23
CA VAL D 39 -18.98 -4.38 -10.92
C VAL D 39 -18.91 -4.01 -9.43
N GLY D 40 -18.97 -2.71 -9.14
CA GLY D 40 -18.85 -2.20 -7.79
C GLY D 40 -17.45 -1.79 -7.41
N ASP D 41 -16.44 -2.17 -8.18
CA ASP D 41 -15.09 -1.68 -7.94
C ASP D 41 -14.98 -0.20 -8.37
N TYR D 42 -13.85 0.42 -8.03
CA TYR D 42 -13.59 1.77 -8.52
C TYR D 42 -12.49 1.75 -9.55
N VAL D 43 -12.60 2.64 -10.55
CA VAL D 43 -11.56 2.82 -11.55
C VAL D 43 -11.17 4.29 -11.65
N GLU D 44 -9.99 4.53 -12.22
CA GLU D 44 -9.55 5.86 -12.55
C GLU D 44 -9.75 6.04 -14.06
N VAL D 45 -10.47 7.08 -14.46
CA VAL D 45 -10.66 7.38 -15.87
C VAL D 45 -9.80 8.59 -16.18
N LYS D 46 -8.94 8.47 -17.19
CA LYS D 46 -7.82 9.40 -17.37
C LYS D 46 -7.80 9.95 -18.79
N LYS D 47 -7.61 11.26 -18.91
CA LYS D 47 -7.31 11.90 -20.18
C LYS D 47 -6.02 12.67 -20.00
N ALA D 48 -6.11 13.97 -19.72
CA ALA D 48 -4.95 14.72 -19.24
C ALA D 48 -4.99 14.91 -17.74
N LYS D 49 -6.12 14.63 -17.15
CA LYS D 49 -6.26 14.49 -15.68
C LYS D 49 -7.11 13.24 -15.42
N SER D 50 -7.36 12.98 -14.15
CA SER D 50 -8.03 11.74 -13.77
C SER D 50 -9.22 12.01 -12.87
N VAL D 51 -10.27 11.19 -13.03
CA VAL D 51 -11.41 11.14 -12.13
C VAL D 51 -11.57 9.69 -11.64
N VAL D 52 -12.18 9.53 -10.46
CA VAL D 52 -12.53 8.22 -9.93
C VAL D 52 -14.02 8.01 -10.18
N ALA D 53 -14.39 6.78 -10.55
CA ALA D 53 -15.77 6.42 -10.83
C ALA D 53 -16.00 4.96 -10.46
N ARG D 54 -17.27 4.64 -10.15
CA ARG D 54 -17.66 3.27 -9.75
C ARG D 54 -18.10 2.47 -10.98
N VAL D 55 -17.60 1.23 -11.06
CA VAL D 55 -17.89 0.39 -12.22
C VAL D 55 -19.31 -0.15 -12.16
N ALA D 56 -20.07 0.04 -13.22
CA ALA D 56 -21.42 -0.48 -13.40
C ALA D 56 -21.49 -1.28 -14.69
N PRO D 57 -22.44 -2.22 -14.83
CA PRO D 57 -22.45 -3.02 -16.05
C PRO D 57 -22.98 -2.26 -17.26
N ALA D 58 -22.50 -2.66 -18.43
CA ALA D 58 -22.95 -2.04 -19.65
C ALA D 58 -24.36 -2.48 -19.98
N HIS D 59 -25.02 -1.62 -20.74
CA HIS D 59 -26.33 -1.98 -21.32
C HIS D 59 -26.08 -3.02 -22.42
N PRO D 60 -27.00 -3.94 -22.69
CA PRO D 60 -26.73 -4.98 -23.69
C PRO D 60 -26.45 -4.44 -25.08
N GLU D 61 -27.13 -3.37 -25.49
CA GLU D 61 -26.90 -2.83 -26.83
C GLU D 61 -25.50 -2.26 -26.98
N ASP D 62 -24.80 -2.00 -25.88
CA ASP D 62 -23.45 -1.46 -25.93
C ASP D 62 -22.37 -2.53 -25.86
N VAL D 63 -22.74 -3.76 -25.58
CA VAL D 63 -21.69 -4.78 -25.44
C VAL D 63 -20.86 -4.95 -26.71
N GLY D 64 -19.56 -4.93 -26.52
CA GLY D 64 -18.69 -5.07 -27.63
C GLY D 64 -18.28 -3.77 -28.29
N LYS D 65 -18.92 -2.66 -27.98
CA LYS D 65 -18.64 -1.46 -28.75
C LYS D 65 -17.39 -0.72 -28.30
N GLY D 66 -16.68 -1.24 -27.31
CA GLY D 66 -15.50 -0.55 -26.78
C GLY D 66 -15.76 0.86 -26.28
N ILE D 67 -16.92 1.08 -25.66
CA ILE D 67 -17.25 2.41 -25.15
C ILE D 67 -17.33 2.37 -23.63
N VAL D 68 -17.29 3.55 -23.04
CA VAL D 68 -17.56 3.71 -21.59
C VAL D 68 -18.59 4.81 -21.48
N ARG D 69 -19.69 4.49 -20.83
CA ARG D 69 -20.73 5.49 -20.65
C ARG D 69 -20.41 6.32 -19.41
N MET D 70 -20.39 7.63 -19.60
CA MET D 70 -20.01 8.56 -18.52
C MET D 70 -21.02 9.72 -18.49
N ASP D 71 -21.34 10.15 -17.30
CA ASP D 71 -22.22 11.33 -17.05
C ASP D 71 -21.51 12.63 -17.47
N LYS D 72 -22.27 13.69 -17.67
CA LYS D 72 -21.68 14.96 -18.12
C LYS D 72 -20.68 15.52 -17.11
N TYR D 73 -20.93 15.31 -15.83
CA TYR D 73 -20.04 15.88 -14.78
C TYR D 73 -18.63 15.36 -14.96
N GLU D 74 -18.49 14.06 -15.14
CA GLU D 74 -17.15 13.47 -15.28
C GLU D 74 -16.59 13.88 -16.64
N ARG D 75 -17.41 13.88 -17.67
CA ARG D 75 -16.90 14.26 -19.01
C ARG D 75 -16.41 15.71 -18.99
N GLN D 76 -17.13 16.58 -18.30
CA GLN D 76 -16.68 17.96 -18.32
C GLN D 76 -15.47 18.19 -17.43
N ASN D 77 -15.31 17.39 -16.36
CA ASN D 77 -14.11 17.55 -15.54
C ASN D 77 -12.87 17.14 -16.33
N LEU D 78 -12.96 16.05 -17.09
CA LEU D 78 -11.87 15.61 -17.95
C LEU D 78 -11.74 16.45 -19.22
N GLY D 79 -12.75 17.20 -19.61
CA GLY D 79 -12.68 17.96 -20.85
C GLY D 79 -12.71 17.07 -22.08
N VAL D 80 -13.43 15.95 -22.00
CA VAL D 80 -13.53 15.01 -23.11
C VAL D 80 -14.86 15.21 -23.81
N SER D 81 -14.83 15.05 -25.12
CA SER D 81 -16.02 15.04 -25.96
C SER D 81 -16.47 13.60 -26.18
N VAL D 82 -17.77 13.43 -26.43
CA VAL D 82 -18.28 12.13 -26.85
C VAL D 82 -17.53 11.69 -28.10
N GLY D 83 -17.00 10.46 -28.08
CA GLY D 83 -16.20 9.90 -29.15
C GLY D 83 -14.71 9.99 -28.92
N ASP D 84 -14.27 10.80 -27.96
CA ASP D 84 -12.86 10.85 -27.55
C ASP D 84 -12.45 9.52 -26.91
N TYR D 85 -11.16 9.21 -26.98
CA TYR D 85 -10.61 8.08 -26.23
C TYR D 85 -10.24 8.50 -24.82
N VAL D 86 -10.45 7.59 -23.86
CA VAL D 86 -9.93 7.74 -22.51
C VAL D 86 -9.25 6.45 -22.09
N GLU D 87 -8.36 6.57 -21.12
CA GLU D 87 -7.71 5.43 -20.48
C GLU D 87 -8.46 5.11 -19.19
N VAL D 88 -8.71 3.83 -18.93
CA VAL D 88 -9.36 3.38 -17.71
C VAL D 88 -8.39 2.46 -16.97
N LYS D 89 -8.14 2.75 -15.69
CA LYS D 89 -7.15 2.04 -14.89
C LYS D 89 -7.78 1.67 -13.55
N LYS D 90 -7.18 0.72 -12.85
CA LYS D 90 -7.64 0.43 -11.48
C LYS D 90 -7.29 1.64 -10.60
N ALA D 91 -8.13 2.01 -9.64
CA ALA D 91 -7.90 3.07 -8.67
C ALA D 91 -7.11 2.58 -7.47
#